data_9JQL
#
_entry.id   9JQL
#
_cell.length_a   103.169
_cell.length_b   103.169
_cell.length_c   42.629
_cell.angle_alpha   90.000
_cell.angle_beta   90.000
_cell.angle_gamma   90.000
#
_symmetry.space_group_name_H-M   'P 43 21 2'
#
loop_
_entity.id
_entity.type
_entity.pdbx_description
1 polymer 'Putative adenine deaminase YerA'
2 water water
#
_entity_poly.entity_id   1
_entity_poly.type   'polypeptide(L)'
_entity_poly.pdbx_seq_one_letter_code
;GGLVPLELSYDMTMDDLQFSMPMGVKMRNAVIMEPYMIEIDNSMEQLSFDHDESYLTMLDRHGKWRVNTMIKGFASSVQG
FVSSFTTTGDIVAIGKNKADMLLAFARMKEIGGGIVLAENGNILHEIPLALCGCASSEAYEDVLEKEQKLRDLLTERGYE
FCDPIYTLLFLQSTHLPYIRITPRGIFDVMKKTVLFPSIMR
;
_entity_poly.pdbx_strand_id   A
#
# COMPACT_ATOMS: atom_id res chain seq x y z
N GLY A 1 15.07 -15.53 -5.97
CA GLY A 1 15.48 -14.22 -6.44
C GLY A 1 14.97 -13.86 -7.83
N GLY A 2 15.52 -12.81 -8.42
CA GLY A 2 15.07 -12.36 -9.73
C GLY A 2 16.19 -12.14 -10.71
N LEU A 3 16.10 -12.75 -11.89
CA LEU A 3 17.08 -12.52 -12.94
C LEU A 3 16.85 -11.16 -13.59
N VAL A 4 15.58 -10.78 -13.79
CA VAL A 4 15.26 -9.47 -14.34
C VAL A 4 14.39 -8.72 -13.35
N PRO A 5 14.96 -8.20 -12.27
CA PRO A 5 14.13 -7.52 -11.27
C PRO A 5 13.78 -6.10 -11.69
N LEU A 6 12.74 -5.56 -11.04
CA LEU A 6 12.40 -4.17 -11.22
C LEU A 6 13.59 -3.29 -10.81
N GLU A 7 14.14 -2.57 -11.79
CA GLU A 7 15.35 -1.78 -11.59
C GLU A 7 14.95 -0.38 -11.13
N LEU A 8 14.50 -0.31 -9.87
CA LEU A 8 14.23 0.97 -9.25
C LEU A 8 15.54 1.58 -8.77
N SER A 9 15.64 2.89 -8.84
CA SER A 9 16.87 3.58 -8.46
C SER A 9 17.11 3.54 -6.95
N TYR A 10 16.31 2.81 -6.18
CA TYR A 10 16.42 2.87 -4.73
C TYR A 10 15.89 1.58 -4.11
N ASP A 11 16.43 1.26 -2.93
CA ASP A 11 15.86 0.25 -2.07
C ASP A 11 15.06 0.93 -0.97
N MET A 12 14.00 0.27 -0.52
CA MET A 12 13.21 0.81 0.58
C MET A 12 13.84 0.38 1.91
N THR A 13 14.15 1.36 2.75
CA THR A 13 14.83 1.12 4.00
C THR A 13 13.95 1.57 5.17
N MET A 14 14.44 1.32 6.38
CA MET A 14 13.73 1.73 7.58
C MET A 14 13.52 3.24 7.64
N ASP A 15 14.40 4.02 6.99
CA ASP A 15 14.23 5.46 6.93
C ASP A 15 12.99 5.87 6.15
N ASP A 16 12.53 5.03 5.21
CA ASP A 16 11.27 5.28 4.52
C ASP A 16 10.07 4.89 5.36
N LEU A 17 10.29 4.33 6.55
CA LEU A 17 9.22 3.93 7.46
C LEU A 17 9.24 4.77 8.73
N GLN A 18 9.48 6.07 8.59
CA GLN A 18 9.36 7.04 9.68
C GLN A 18 8.03 7.77 9.53
N PHE A 19 7.17 7.65 10.53
CA PHE A 19 5.82 8.19 10.49
C PHE A 19 5.67 9.24 11.58
N SER A 20 5.19 10.43 11.20
CA SER A 20 5.15 11.54 12.15
C SER A 20 3.87 12.36 12.06
N MET A 21 3.25 12.43 10.88
CA MET A 21 2.07 13.27 10.75
C MET A 21 0.92 12.72 11.60
N PRO A 22 0.13 13.58 12.22
CA PRO A 22 -0.90 13.12 13.15
C PRO A 22 -2.21 12.72 12.48
N MET A 23 -2.30 12.85 11.16
CA MET A 23 -3.53 12.62 10.41
C MET A 23 -3.33 11.50 9.40
N GLY A 24 -4.34 10.66 9.26
CA GLY A 24 -4.34 9.61 8.26
C GLY A 24 -5.63 9.58 7.46
N VAL A 25 -5.75 8.59 6.59
CA VAL A 25 -6.93 8.42 5.75
C VAL A 25 -7.73 7.23 6.26
N LYS A 26 -9.04 7.39 6.31
CA LYS A 26 -9.95 6.37 6.82
C LYS A 26 -10.92 5.98 5.71
N MET A 27 -11.08 4.68 5.51
CA MET A 27 -11.93 4.17 4.43
C MET A 27 -13.40 4.21 4.85
N ARG A 28 -14.22 4.92 4.07
CA ARG A 28 -15.68 4.84 4.19
C ARG A 28 -16.22 3.64 3.43
N ASN A 29 -15.72 3.44 2.20
CA ASN A 29 -15.97 2.24 1.44
C ASN A 29 -14.64 1.84 0.79
N ALA A 30 -14.71 1.16 -0.34
CA ALA A 30 -13.49 0.69 -0.99
C ALA A 30 -12.64 1.83 -1.54
N VAL A 31 -13.26 2.95 -1.91
CA VAL A 31 -12.53 4.01 -2.61
C VAL A 31 -12.65 5.34 -1.89
N ILE A 32 -13.79 5.58 -1.24
CA ILE A 32 -14.01 6.86 -0.58
C ILE A 32 -13.26 6.87 0.75
N MET A 33 -12.50 7.94 0.98
CA MET A 33 -11.72 8.10 2.20
C MET A 33 -11.93 9.49 2.77
N GLU A 34 -11.75 9.59 4.09
CA GLU A 34 -11.88 10.85 4.80
C GLU A 34 -10.73 11.03 5.76
N PRO A 35 -10.37 12.25 6.11
CA PRO A 35 -9.31 12.46 7.10
C PRO A 35 -9.72 11.96 8.47
N TYR A 36 -8.74 11.48 9.23
CA TYR A 36 -8.99 11.12 10.62
C TYR A 36 -7.72 11.39 11.41
N MET A 37 -7.88 11.58 12.72
CA MET A 37 -6.76 11.81 13.61
C MET A 37 -6.28 10.48 14.17
N ILE A 38 -4.99 10.21 14.01
CA ILE A 38 -4.42 8.93 14.42
C ILE A 38 -4.55 8.77 15.92
N GLU A 39 -5.09 7.62 16.35
CA GLU A 39 -5.41 7.37 17.74
C GLU A 39 -4.41 6.47 18.44
N ILE A 40 -3.36 6.01 17.76
CA ILE A 40 -2.44 5.03 18.30
C ILE A 40 -1.00 5.51 18.14
N ASP A 41 -0.08 4.80 18.80
CA ASP A 41 1.34 5.13 18.78
C ASP A 41 1.94 4.63 17.47
N ASN A 42 2.22 5.56 16.55
CA ASN A 42 2.77 5.22 15.24
C ASN A 42 4.30 5.27 15.20
N SER A 43 4.96 5.00 16.31
CA SER A 43 6.41 4.91 16.36
C SER A 43 6.91 3.49 16.47
N MET A 44 6.02 2.52 16.57
CA MET A 44 6.38 1.14 16.88
C MET A 44 6.72 0.35 15.63
N GLU A 45 7.74 -0.50 15.74
CA GLU A 45 8.08 -1.40 14.64
C GLU A 45 6.94 -2.36 14.35
N GLN A 46 6.18 -2.75 15.37
CA GLN A 46 5.05 -3.66 15.22
C GLN A 46 3.84 -3.03 15.88
N LEU A 47 2.75 -2.92 15.11
CA LEU A 47 1.51 -2.38 15.63
C LEU A 47 0.62 -3.50 16.17
N SER A 48 -0.29 -3.14 17.06
CA SER A 48 -1.19 -4.11 17.66
C SER A 48 -2.27 -4.54 16.67
N PHE A 49 -2.73 -5.78 16.84
CA PHE A 49 -3.78 -6.34 15.99
C PHE A 49 -5.19 -6.04 16.49
N ASP A 50 -5.35 -5.30 17.59
CA ASP A 50 -6.66 -5.04 18.15
C ASP A 50 -7.24 -3.71 17.69
N HIS A 51 -6.73 -3.15 16.59
CA HIS A 51 -7.33 -2.00 15.94
C HIS A 51 -7.09 -2.13 14.45
N ASP A 52 -7.69 -1.22 13.67
CA ASP A 52 -7.62 -1.27 12.22
C ASP A 52 -6.84 -0.11 11.61
N GLU A 53 -5.83 0.40 12.32
CA GLU A 53 -4.95 1.44 11.81
C GLU A 53 -3.65 0.80 11.35
N SER A 54 -3.31 0.97 10.07
CA SER A 54 -2.09 0.41 9.51
C SER A 54 -1.22 1.53 8.95
N TYR A 55 0.10 1.33 9.01
CA TYR A 55 1.02 2.18 8.29
C TYR A 55 0.72 2.15 6.80
N LEU A 56 0.81 3.32 6.16
CA LEU A 56 0.75 3.44 4.71
C LEU A 56 1.86 4.36 4.25
N THR A 57 2.73 3.85 3.39
CA THR A 57 3.79 4.63 2.76
C THR A 57 3.58 4.60 1.25
N MET A 58 3.54 5.77 0.63
CA MET A 58 3.55 5.90 -0.82
C MET A 58 4.93 6.37 -1.25
N LEU A 59 5.50 5.68 -2.22
CA LEU A 59 6.86 5.96 -2.66
C LEU A 59 6.87 6.30 -4.14
N ASP A 60 7.51 7.41 -4.48
CA ASP A 60 7.79 7.75 -5.87
C ASP A 60 8.44 6.57 -6.58
N ARG A 61 7.94 6.24 -7.78
CA ARG A 61 8.60 5.21 -8.57
C ARG A 61 10.05 5.59 -8.86
N HIS A 62 10.34 6.89 -8.95
CA HIS A 62 11.68 7.39 -9.18
C HIS A 62 12.44 7.68 -7.90
N GLY A 63 11.84 7.44 -6.74
CA GLY A 63 12.55 7.50 -5.47
C GLY A 63 12.82 8.87 -4.91
N LYS A 64 12.21 9.91 -5.46
CA LYS A 64 12.50 11.25 -4.98
C LYS A 64 11.70 11.60 -3.73
N TRP A 65 10.42 11.19 -3.69
CA TRP A 65 9.53 11.59 -2.61
C TRP A 65 8.85 10.37 -2.01
N ARG A 66 8.30 10.56 -0.82
CA ARG A 66 7.47 9.56 -0.17
C ARG A 66 6.50 10.27 0.76
N VAL A 67 5.39 9.58 1.05
CA VAL A 67 4.36 10.05 1.97
C VAL A 67 4.16 8.97 3.02
N ASN A 68 4.29 9.35 4.30
CA ASN A 68 4.16 8.43 5.42
C ASN A 68 2.91 8.82 6.21
N THR A 69 1.88 8.01 6.14
CA THR A 69 0.61 8.30 6.81
C THR A 69 0.05 7.00 7.36
N MET A 70 -1.20 7.03 7.81
CA MET A 70 -1.89 5.84 8.28
C MET A 70 -3.17 5.66 7.48
N ILE A 71 -3.56 4.40 7.28
CA ILE A 71 -4.83 4.07 6.67
C ILE A 71 -5.65 3.29 7.70
N LYS A 72 -6.84 3.79 8.00
CA LYS A 72 -7.73 3.16 8.96
C LYS A 72 -8.84 2.43 8.22
N GLY A 73 -9.00 1.15 8.52
CA GLY A 73 -10.06 0.36 7.92
C GLY A 73 -9.64 -0.52 6.77
N PHE A 74 -8.36 -0.48 6.36
CA PHE A 74 -7.90 -1.38 5.31
C PHE A 74 -7.79 -2.81 5.84
N ALA A 75 -7.21 -2.99 7.02
CA ALA A 75 -7.04 -4.30 7.63
C ALA A 75 -6.61 -4.11 9.06
N SER A 76 -6.58 -5.22 9.80
CA SER A 76 -6.14 -5.20 11.19
C SER A 76 -5.05 -6.22 11.50
N SER A 77 -4.70 -7.12 10.57
CA SER A 77 -3.58 -8.02 10.80
C SER A 77 -2.72 -8.21 9.56
N VAL A 78 -2.78 -7.30 8.60
CA VAL A 78 -1.83 -7.33 7.49
C VAL A 78 -0.48 -6.84 7.99
N GLN A 79 0.54 -7.69 7.87
CA GLN A 79 1.87 -7.37 8.38
C GLN A 79 2.69 -6.57 7.37
N GLY A 80 2.84 -7.08 6.15
CA GLY A 80 3.48 -6.32 5.09
C GLY A 80 2.78 -6.52 3.76
N PHE A 81 2.46 -5.45 3.05
CA PHE A 81 1.76 -5.56 1.79
C PHE A 81 2.22 -4.45 0.85
N VAL A 82 2.84 -4.82 -0.26
CA VAL A 82 3.38 -3.85 -1.19
C VAL A 82 2.79 -4.09 -2.57
N SER A 83 2.49 -3.00 -3.27
CA SER A 83 1.96 -3.09 -4.62
C SER A 83 2.58 -2.00 -5.48
N SER A 84 3.15 -2.39 -6.61
CA SER A 84 3.55 -1.47 -7.66
C SER A 84 2.53 -1.45 -8.79
N PHE A 85 1.41 -2.15 -8.62
CA PHE A 85 0.36 -2.21 -9.64
C PHE A 85 -0.54 -0.98 -9.49
N THR A 86 -0.01 0.14 -9.96
CA THR A 86 -0.73 1.41 -9.94
C THR A 86 -0.65 2.03 -11.34
N THR A 87 -1.63 2.90 -11.64
CA THR A 87 -1.60 3.61 -12.91
C THR A 87 -0.48 4.66 -12.94
N THR A 88 -0.05 5.15 -11.78
CA THR A 88 1.06 6.07 -11.72
C THR A 88 2.41 5.39 -11.76
N GLY A 89 2.47 4.09 -11.43
CA GLY A 89 3.73 3.42 -11.22
C GLY A 89 4.31 3.61 -9.84
N ASP A 90 3.71 4.44 -9.00
CA ASP A 90 4.19 4.64 -7.64
C ASP A 90 3.90 3.40 -6.79
N ILE A 91 4.64 3.28 -5.68
CA ILE A 91 4.64 2.08 -4.86
C ILE A 91 3.80 2.35 -3.61
N VAL A 92 2.95 1.40 -3.25
CA VAL A 92 2.15 1.46 -2.02
C VAL A 92 2.66 0.38 -1.08
N ALA A 93 2.86 0.74 0.19
CA ALA A 93 3.21 -0.22 1.23
C ALA A 93 2.28 0.00 2.41
N ILE A 94 1.61 -1.05 2.85
CA ILE A 94 0.64 -1.00 3.94
C ILE A 94 0.96 -2.13 4.90
N GLY A 95 0.85 -1.85 6.19
CA GLY A 95 0.99 -2.95 7.14
C GLY A 95 1.22 -2.48 8.56
N LYS A 96 1.40 -3.48 9.43
CA LYS A 96 1.61 -3.24 10.85
C LYS A 96 2.98 -3.68 11.34
N ASN A 97 3.80 -4.27 10.49
CA ASN A 97 5.17 -4.65 10.83
C ASN A 97 6.09 -4.09 9.76
N LYS A 98 6.99 -3.18 10.18
CA LYS A 98 7.86 -2.50 9.22
C LYS A 98 8.82 -3.47 8.55
N ALA A 99 9.28 -4.48 9.28
CA ALA A 99 10.18 -5.47 8.69
C ALA A 99 9.50 -6.24 7.57
N ASP A 100 8.23 -6.65 7.79
CA ASP A 100 7.49 -7.34 6.74
C ASP A 100 7.19 -6.42 5.56
N MET A 101 6.97 -5.13 5.81
CA MET A 101 6.78 -4.19 4.71
C MET A 101 8.05 -4.07 3.86
N LEU A 102 9.21 -3.93 4.51
CA LEU A 102 10.46 -3.90 3.77
C LEU A 102 10.68 -5.19 2.99
N LEU A 103 10.36 -6.33 3.60
CA LEU A 103 10.52 -7.61 2.92
C LEU A 103 9.62 -7.71 1.71
N ALA A 104 8.36 -7.25 1.84
CA ALA A 104 7.44 -7.29 0.72
C ALA A 104 7.90 -6.38 -0.40
N PHE A 105 8.48 -5.22 -0.06
CA PHE A 105 9.01 -4.33 -1.09
C PHE A 105 10.17 -4.98 -1.83
N ALA A 106 11.13 -5.55 -1.09
CA ALA A 106 12.26 -6.21 -1.74
C ALA A 106 11.80 -7.35 -2.63
N ARG A 107 10.86 -8.15 -2.16
CA ARG A 107 10.34 -9.26 -2.96
C ARG A 107 9.60 -8.74 -4.18
N MET A 108 8.85 -7.63 -4.04
CA MET A 108 8.17 -7.03 -5.17
C MET A 108 9.17 -6.63 -6.25
N LYS A 109 10.30 -6.05 -5.84
CA LYS A 109 11.33 -5.72 -6.81
C LYS A 109 11.92 -6.98 -7.44
N GLU A 110 12.15 -8.03 -6.64
CA GLU A 110 12.76 -9.25 -7.17
C GLU A 110 11.93 -9.86 -8.29
N ILE A 111 10.60 -9.89 -8.13
CA ILE A 111 9.74 -10.52 -9.13
C ILE A 111 9.39 -9.60 -10.28
N GLY A 112 9.98 -8.40 -10.33
CA GLY A 112 9.76 -7.49 -11.44
C GLY A 112 8.53 -6.63 -11.33
N GLY A 113 8.13 -6.26 -10.13
CA GLY A 113 6.92 -5.49 -9.93
C GLY A 113 5.70 -6.36 -9.71
N GLY A 114 4.68 -5.76 -9.11
CA GLY A 114 3.46 -6.48 -8.81
C GLY A 114 2.99 -6.29 -7.39
N ILE A 115 2.44 -7.35 -6.80
CA ILE A 115 1.82 -7.29 -5.48
C ILE A 115 2.40 -8.40 -4.61
N VAL A 116 2.80 -8.06 -3.40
CA VAL A 116 3.39 -9.03 -2.48
C VAL A 116 2.81 -8.82 -1.09
N LEU A 117 2.25 -9.88 -0.52
CA LEU A 117 1.79 -9.93 0.86
C LEU A 117 2.75 -10.82 1.63
N ALA A 118 3.43 -10.23 2.62
CA ALA A 118 4.43 -10.88 3.47
C ALA A 118 3.98 -10.82 4.92
N GLU A 119 4.45 -11.79 5.69
CA GLU A 119 3.95 -12.02 7.05
C GLU A 119 4.95 -12.82 7.87
N ASN A 120 5.42 -12.24 8.98
CA ASN A 120 6.29 -12.93 9.94
C ASN A 120 7.56 -13.48 9.27
N GLY A 121 8.19 -12.65 8.45
CA GLY A 121 9.44 -13.01 7.82
C GLY A 121 9.33 -13.83 6.55
N ASN A 122 8.12 -14.22 6.15
CA ASN A 122 7.91 -15.04 4.97
C ASN A 122 7.00 -14.34 3.99
N ILE A 123 7.07 -14.77 2.73
CA ILE A 123 6.16 -14.28 1.69
C ILE A 123 4.91 -15.14 1.73
N LEU A 124 3.77 -14.51 2.02
CA LEU A 124 2.52 -15.24 2.06
C LEU A 124 1.94 -15.44 0.66
N HIS A 125 2.03 -14.42 -0.18
CA HIS A 125 1.40 -14.50 -1.50
C HIS A 125 2.03 -13.44 -2.40
N GLU A 126 2.18 -13.75 -3.68
CA GLU A 126 2.67 -12.76 -4.63
C GLU A 126 1.98 -12.91 -5.96
N ILE A 127 1.88 -11.78 -6.66
CA ILE A 127 1.28 -11.68 -7.99
C ILE A 127 2.24 -10.84 -8.83
N PRO A 128 2.98 -11.44 -9.76
CA PRO A 128 3.81 -10.62 -10.65
C PRO A 128 2.95 -9.70 -11.50
N LEU A 129 3.56 -8.63 -11.99
CA LEU A 129 2.81 -7.57 -12.67
C LEU A 129 1.96 -8.12 -13.81
N ALA A 130 2.43 -9.18 -14.47
CA ALA A 130 1.70 -9.73 -15.62
C ALA A 130 0.38 -10.36 -15.20
N LEU A 131 0.26 -10.79 -13.94
CA LEU A 131 -0.94 -11.46 -13.46
C LEU A 131 -1.81 -10.59 -12.57
N CYS A 132 -1.46 -9.31 -12.39
CA CYS A 132 -2.30 -8.42 -11.60
C CYS A 132 -3.57 -8.02 -12.34
N GLY A 133 -3.49 -7.86 -13.66
CA GLY A 133 -4.66 -7.69 -14.50
C GLY A 133 -4.62 -8.67 -15.65
N CYS A 134 -5.76 -8.79 -16.32
CA CYS A 134 -5.86 -9.71 -17.46
C CYS A 134 -5.43 -8.98 -18.72
N ALA A 135 -4.11 -8.97 -18.96
CA ALA A 135 -3.60 -8.40 -20.19
C ALA A 135 -3.80 -9.37 -21.36
N SER A 136 -3.61 -10.66 -21.13
CA SER A 136 -3.79 -11.69 -22.14
C SER A 136 -4.89 -12.63 -21.69
N SER A 137 -5.86 -12.88 -22.57
CA SER A 137 -6.96 -13.78 -22.23
C SER A 137 -6.44 -15.17 -21.87
N GLU A 138 -5.33 -15.59 -22.48
CA GLU A 138 -4.71 -16.88 -22.16
C GLU A 138 -4.52 -17.05 -20.67
N ALA A 139 -4.21 -15.96 -19.96
CA ALA A 139 -3.88 -16.02 -18.53
C ALA A 139 -5.07 -15.74 -17.63
N TYR A 140 -6.26 -15.51 -18.19
CA TYR A 140 -7.44 -15.14 -17.39
C TYR A 140 -7.53 -15.94 -16.09
N GLU A 141 -7.66 -17.26 -16.23
CA GLU A 141 -7.77 -18.13 -15.06
C GLU A 141 -6.71 -17.80 -14.01
N ASP A 142 -5.43 -17.85 -14.42
CA ASP A 142 -4.35 -17.56 -13.48
C ASP A 142 -4.61 -16.23 -12.76
N VAL A 143 -4.84 -15.17 -13.54
CA VAL A 143 -5.19 -13.87 -12.96
C VAL A 143 -6.25 -14.06 -11.88
N LEU A 144 -7.42 -14.58 -12.29
CA LEU A 144 -8.50 -14.83 -11.36
C LEU A 144 -7.98 -15.50 -10.09
N GLU A 145 -7.30 -16.64 -10.24
CA GLU A 145 -6.79 -17.35 -9.08
C GLU A 145 -5.96 -16.42 -8.22
N LYS A 146 -4.88 -15.86 -8.80
CA LYS A 146 -4.00 -14.96 -8.06
C LYS A 146 -4.79 -13.88 -7.35
N GLU A 147 -5.83 -13.36 -8.02
CA GLU A 147 -6.65 -12.33 -7.42
C GLU A 147 -7.45 -12.87 -6.26
N GLN A 148 -8.23 -13.93 -6.49
CA GLN A 148 -9.15 -14.42 -5.47
C GLN A 148 -8.40 -14.78 -4.20
N LYS A 149 -7.33 -15.58 -4.33
CA LYS A 149 -6.48 -15.89 -3.18
C LYS A 149 -6.12 -14.62 -2.42
N LEU A 150 -5.56 -13.62 -3.14
CA LEU A 150 -5.23 -12.37 -2.48
C LEU A 150 -6.40 -11.85 -1.67
N ARG A 151 -7.57 -11.69 -2.33
CA ARG A 151 -8.78 -11.29 -1.64
C ARG A 151 -8.94 -12.08 -0.35
N ASP A 152 -9.01 -13.42 -0.46
CA ASP A 152 -9.22 -14.27 0.70
C ASP A 152 -8.27 -13.87 1.83
N LEU A 153 -6.97 -13.84 1.53
CA LEU A 153 -5.99 -13.51 2.57
C LEU A 153 -6.29 -12.15 3.18
N LEU A 154 -6.48 -11.13 2.35
CA LEU A 154 -6.78 -9.80 2.86
C LEU A 154 -8.08 -9.79 3.65
N THR A 155 -9.06 -10.61 3.24
CA THR A 155 -10.31 -10.67 4.00
C THR A 155 -10.08 -11.32 5.36
N GLU A 156 -9.18 -12.31 5.42
CA GLU A 156 -8.87 -12.95 6.69
C GLU A 156 -8.23 -11.97 7.65
N ARG A 157 -7.52 -10.96 7.14
CA ARG A 157 -6.74 -10.05 7.95
C ARG A 157 -7.41 -8.70 8.16
N GLY A 158 -8.72 -8.60 7.87
CA GLY A 158 -9.49 -7.44 8.26
C GLY A 158 -10.00 -6.57 7.13
N TYR A 159 -9.71 -6.87 5.87
CA TYR A 159 -10.25 -6.08 4.77
C TYR A 159 -11.71 -6.48 4.56
N GLU A 160 -12.63 -5.56 4.86
CA GLU A 160 -14.05 -5.83 4.84
C GLU A 160 -14.79 -5.18 3.69
N PHE A 161 -14.09 -4.49 2.79
CA PHE A 161 -14.74 -3.83 1.67
C PHE A 161 -14.67 -4.74 0.45
N CYS A 162 -15.20 -4.25 -0.68
CA CYS A 162 -15.51 -5.16 -1.78
C CYS A 162 -14.30 -5.53 -2.61
N ASP A 163 -13.32 -4.63 -2.75
CA ASP A 163 -12.25 -4.87 -3.72
C ASP A 163 -11.00 -4.09 -3.33
N PRO A 164 -9.97 -4.77 -2.80
CA PRO A 164 -8.76 -4.03 -2.40
C PRO A 164 -7.97 -3.45 -3.56
N ILE A 165 -8.04 -4.06 -4.74
CA ILE A 165 -7.33 -3.53 -5.91
C ILE A 165 -7.90 -2.18 -6.30
N TYR A 166 -9.23 -2.04 -6.26
CA TYR A 166 -9.89 -0.74 -6.44
C TYR A 166 -9.31 0.30 -5.49
N THR A 167 -9.31 -0.02 -4.20
CA THR A 167 -8.73 0.82 -3.16
C THR A 167 -7.34 1.30 -3.54
N LEU A 168 -6.45 0.35 -3.83
CA LEU A 168 -5.07 0.70 -4.15
C LEU A 168 -5.00 1.58 -5.39
N LEU A 169 -5.80 1.27 -6.41
CA LEU A 169 -5.71 1.99 -7.67
C LEU A 169 -6.14 3.44 -7.54
N PHE A 170 -7.04 3.76 -6.60
CA PHE A 170 -7.55 5.13 -6.54
C PHE A 170 -7.05 5.92 -5.32
N LEU A 171 -5.91 5.53 -4.75
CA LEU A 171 -5.40 6.26 -3.58
C LEU A 171 -4.91 7.66 -3.96
N GLN A 172 -4.47 7.86 -5.20
CA GLN A 172 -3.88 9.12 -5.64
C GLN A 172 -4.84 9.97 -6.47
N SER A 173 -6.11 9.58 -6.54
CA SER A 173 -7.08 10.22 -7.44
C SER A 173 -7.66 11.47 -6.78
N THR A 174 -7.07 12.62 -7.08
CA THR A 174 -7.42 13.86 -6.42
C THR A 174 -8.82 14.38 -6.75
N HIS A 175 -9.55 13.72 -7.64
CA HIS A 175 -10.91 14.13 -7.96
C HIS A 175 -11.96 13.37 -7.17
N LEU A 176 -11.55 12.39 -6.37
CA LEU A 176 -12.47 11.59 -5.56
C LEU A 176 -12.36 11.98 -4.10
N PRO A 177 -13.46 12.33 -3.45
CA PRO A 177 -13.39 12.78 -2.06
C PRO A 177 -13.02 11.64 -1.12
N TYR A 178 -12.48 11.99 0.04
CA TYR A 178 -12.31 13.38 0.50
C TYR A 178 -10.84 13.72 0.72
N ILE A 179 -10.01 12.69 0.84
CA ILE A 179 -8.59 12.87 1.07
C ILE A 179 -7.82 11.85 0.24
N ARG A 180 -6.70 12.28 -0.33
CA ARG A 180 -5.91 11.43 -1.21
C ARG A 180 -4.45 11.52 -0.83
N ILE A 181 -3.64 10.61 -1.37
CA ILE A 181 -2.20 10.61 -1.19
C ILE A 181 -1.57 10.96 -2.53
N THR A 182 -0.86 12.10 -2.58
CA THR A 182 -0.30 12.62 -3.82
C THR A 182 1.20 12.80 -3.67
N PRO A 183 1.94 13.01 -4.79
CA PRO A 183 3.38 13.30 -4.68
C PRO A 183 3.73 14.46 -3.76
N ARG A 184 2.75 15.33 -3.48
CA ARG A 184 2.98 16.49 -2.64
C ARG A 184 2.56 16.27 -1.18
N GLY A 185 2.02 15.09 -0.85
CA GLY A 185 1.60 14.75 0.49
C GLY A 185 0.14 14.33 0.50
N ILE A 186 -0.43 14.23 1.71
CA ILE A 186 -1.87 14.01 1.79
C ILE A 186 -2.60 15.29 1.35
N PHE A 187 -3.77 15.11 0.75
CA PHE A 187 -4.40 16.16 -0.04
C PHE A 187 -5.89 16.20 0.28
N ASP A 188 -6.35 17.37 0.73
CA ASP A 188 -7.76 17.64 0.97
C ASP A 188 -8.43 17.86 -0.38
N VAL A 189 -9.33 16.95 -0.77
CA VAL A 189 -9.92 17.02 -2.11
C VAL A 189 -10.90 18.18 -2.21
N MET A 190 -11.71 18.41 -1.18
CA MET A 190 -12.72 19.45 -1.26
C MET A 190 -12.09 20.84 -1.24
N LYS A 191 -11.15 21.08 -0.33
CA LYS A 191 -10.48 22.37 -0.25
C LYS A 191 -9.30 22.47 -1.21
N LYS A 192 -8.94 21.38 -1.88
CA LYS A 192 -7.90 21.35 -2.91
C LYS A 192 -6.59 21.95 -2.39
N THR A 193 -6.19 21.52 -1.20
CA THR A 193 -4.94 21.97 -0.60
C THR A 193 -4.19 20.78 -0.01
N VAL A 194 -2.86 20.85 -0.08
CA VAL A 194 -2.03 19.89 0.62
C VAL A 194 -2.22 20.08 2.12
N LEU A 195 -2.40 18.97 2.84
CA LEU A 195 -2.48 19.02 4.29
C LEU A 195 -1.09 18.88 4.87
N PHE A 196 -0.72 17.69 5.31
CA PHE A 196 0.68 17.48 5.70
C PHE A 196 1.49 17.01 4.50
N PRO A 197 2.66 17.57 4.25
CA PRO A 197 3.33 17.39 2.96
C PRO A 197 4.09 16.08 2.89
N SER A 198 4.58 15.80 1.68
CA SER A 198 5.42 14.64 1.44
C SER A 198 6.85 14.92 1.89
N ILE A 199 7.67 13.87 1.89
CA ILE A 199 9.06 13.96 2.30
C ILE A 199 9.94 13.72 1.09
N MET A 200 10.95 14.57 0.90
CA MET A 200 11.99 14.32 -0.09
C MET A 200 12.98 13.31 0.47
N ARG A 201 13.09 12.16 -0.18
CA ARG A 201 13.92 11.07 0.32
C ARG A 201 15.41 11.41 0.27
#